data_7K2M
#
_entry.id   7K2M
#
_cell.length_a   162.765
_cell.length_b   68.856
_cell.length_c   77.389
_cell.angle_alpha   90.000
_cell.angle_beta   117.898
_cell.angle_gamma   90.000
#
_symmetry.space_group_name_H-M   'C 1 2 1'
#
loop_
_entity.id
_entity.type
_entity.pdbx_description
1 polymer 'Kelch-like ECH-associated protein 1'
2 polymer 'Nrf2 cyclic peptide,c[GEPETGE]'
3 water water
#
loop_
_entity_poly.entity_id
_entity_poly.type
_entity_poly.pdbx_seq_one_letter_code
_entity_poly.pdbx_strand_id
1 'polypeptide(L)'
;RLIYTAGGYFRQSLSYLEAYNPSDGTWLRLADLQVPRSGLAGCVVGGLLYAVGGRNNSPDGNTDSSALDCYNPMTNQWSP
CAPMSVPRNRIGVGVIDGHIYAVGGSHGCIHHNSVERYEPERDEWHLVAPMLTRRIGVGVAVLNRLLYAVGGFDGTNRLN
SAECYYPERNEWRMITAMNTIRSGAGVCVLHNCIYAAGGYDGQDQLNSVERYDVATATWTFVAPMKHRRSALGITVHQGR
IYVLGGYDGHTFLDSVECYDPDTDTWSEVTRMTSGRSGVGVAVTMEPSR
;
B,A
2 'polypeptide(L)' GEPETGE P
#
# COMPACT_ATOMS: atom_id res chain seq x y z
N ARG A 1 2.84 11.98 20.34
CA ARG A 1 1.58 12.10 19.63
C ARG A 1 0.37 11.84 20.53
N LEU A 2 -0.73 12.54 20.24
CA LEU A 2 -1.95 12.48 21.03
C LEU A 2 -3.11 12.00 20.16
N ILE A 3 -4.15 11.55 20.85
CA ILE A 3 -5.42 11.14 20.24
C ILE A 3 -6.36 12.32 20.35
N TYR A 4 -6.67 12.97 19.23
CA TYR A 4 -7.54 14.12 19.19
C TYR A 4 -8.96 13.69 18.87
N THR A 5 -9.92 14.18 19.66
CA THR A 5 -11.34 14.05 19.39
C THR A 5 -11.92 15.44 19.17
N ALA A 6 -12.68 15.58 18.09
CA ALA A 6 -13.26 16.85 17.66
C ALA A 6 -14.76 16.67 17.51
N GLY A 7 -15.51 17.65 18.03
CA GLY A 7 -16.94 17.65 17.86
C GLY A 7 -17.62 16.54 18.64
N GLY A 8 -18.74 16.09 18.12
CA GLY A 8 -19.54 15.09 18.79
C GLY A 8 -20.91 15.61 19.13
N TYR A 9 -21.68 14.76 19.82
CA TYR A 9 -23.06 15.07 20.15
C TYR A 9 -23.38 14.65 21.58
N PHE A 10 -24.00 15.54 22.34
CA PHE A 10 -24.38 15.27 23.72
C PHE A 10 -25.57 16.15 24.01
N ARG A 11 -26.70 15.82 23.36
CA ARG A 11 -28.02 16.48 23.36
C ARG A 11 -28.09 17.73 22.46
N GLN A 12 -26.98 17.97 21.76
CA GLN A 12 -26.72 19.06 20.82
C GLN A 12 -25.29 18.82 20.32
N SER A 13 -24.96 19.31 19.14
CA SER A 13 -23.62 19.14 18.59
C SER A 13 -22.62 19.98 19.39
N LEU A 14 -21.36 19.53 19.39
CA LEU A 14 -20.35 20.06 20.27
C LEU A 14 -19.19 20.65 19.47
N SER A 15 -18.48 21.58 20.09
CA SER A 15 -17.31 22.21 19.48
C SER A 15 -16.00 21.77 20.12
N TYR A 16 -16.04 20.80 21.03
CA TYR A 16 -14.84 20.40 21.78
C TYR A 16 -13.75 19.88 20.86
N LEU A 17 -12.52 20.33 21.10
CA LEU A 17 -11.33 19.64 20.61
C LEU A 17 -10.50 19.27 21.83
N GLU A 18 -10.38 17.97 22.11
CA GLU A 18 -9.61 17.51 23.25
C GLU A 18 -8.63 16.45 22.77
N ALA A 19 -7.49 16.35 23.45
CA ALA A 19 -6.43 15.44 23.04
C ALA A 19 -5.99 14.59 24.22
N TYR A 20 -6.02 13.29 24.04
CA TYR A 20 -5.70 12.31 25.09
C TYR A 20 -4.27 11.83 24.93
N ASN A 21 -3.55 11.79 26.05
CA ASN A 21 -2.19 11.29 26.15
C ASN A 21 -2.23 9.91 26.78
N PRO A 22 -2.07 8.83 26.01
CA PRO A 22 -2.19 7.48 26.59
C PRO A 22 -1.12 7.17 27.62
N SER A 23 -0.04 7.95 27.68
CA SER A 23 1.02 7.71 28.66
C SER A 23 0.70 8.32 30.01
N ASP A 24 0.52 9.64 30.07
CA ASP A 24 0.26 10.30 31.35
C ASP A 24 -1.23 10.40 31.67
N GLY A 25 -2.10 10.03 30.72
CA GLY A 25 -3.54 9.95 30.92
C GLY A 25 -4.31 11.24 30.89
N THR A 26 -3.67 12.38 30.61
CA THR A 26 -4.35 13.66 30.61
C THR A 26 -5.21 13.86 29.36
N TRP A 27 -6.25 14.66 29.51
CA TRP A 27 -7.02 15.21 28.41
C TRP A 27 -6.69 16.69 28.33
N LEU A 28 -6.25 17.14 27.15
CA LEU A 28 -5.90 18.52 26.91
C LEU A 28 -7.07 19.18 26.20
N ARG A 29 -7.48 20.35 26.68
CA ARG A 29 -8.54 21.12 26.04
C ARG A 29 -7.91 22.13 25.09
N LEU A 30 -8.30 22.07 23.82
CA LEU A 30 -7.66 22.87 22.78
C LEU A 30 -8.70 23.80 22.18
N ALA A 31 -8.34 24.47 21.09
CA ALA A 31 -9.23 25.47 20.51
C ALA A 31 -10.52 24.82 20.00
N ASP A 32 -11.65 25.45 20.31
CA ASP A 32 -12.95 24.97 19.85
C ASP A 32 -13.01 24.96 18.33
N LEU A 33 -13.76 24.00 17.79
CA LEU A 33 -14.23 24.13 16.42
C LEU A 33 -14.95 25.46 16.25
N GLN A 34 -14.84 26.03 15.04
CA GLN A 34 -15.55 27.27 14.78
C GLN A 34 -17.06 27.04 14.79
N VAL A 35 -17.52 25.86 14.37
CA VAL A 35 -18.93 25.51 14.35
C VAL A 35 -19.13 24.18 15.08
N PRO A 36 -20.08 24.08 16.01
CA PRO A 36 -20.36 22.78 16.63
C PRO A 36 -20.80 21.78 15.57
N ARG A 37 -20.31 20.55 15.68
CA ARG A 37 -20.69 19.54 14.70
C ARG A 37 -20.55 18.15 15.28
N SER A 38 -21.50 17.29 14.92
CA SER A 38 -21.51 15.87 15.19
C SER A 38 -21.62 15.13 13.86
N GLY A 39 -21.26 13.85 13.88
CA GLY A 39 -21.31 13.07 12.66
C GLY A 39 -20.21 13.42 11.68
N LEU A 40 -19.18 14.10 12.12
CA LEU A 40 -18.05 14.47 11.29
C LEU A 40 -17.01 13.34 11.32
N ALA A 41 -16.00 13.48 10.48
CA ALA A 41 -14.87 12.58 10.51
C ALA A 41 -13.59 13.37 10.70
N GLY A 42 -12.58 12.73 11.29
CA GLY A 42 -11.29 13.34 11.48
C GLY A 42 -10.21 12.57 10.74
N CYS A 43 -9.17 13.29 10.32
CA CYS A 43 -8.02 12.65 9.71
C CYS A 43 -6.82 13.58 9.86
N VAL A 44 -5.63 13.06 9.58
CA VAL A 44 -4.42 13.86 9.65
C VAL A 44 -3.67 13.75 8.32
N VAL A 45 -3.33 14.90 7.74
CA VAL A 45 -2.45 14.93 6.58
C VAL A 45 -1.34 15.93 6.84
N GLY A 46 -0.12 15.56 6.49
CA GLY A 46 1.02 16.28 7.01
C GLY A 46 1.04 16.08 8.51
N GLY A 47 1.03 17.17 9.26
CA GLY A 47 0.79 17.06 10.68
C GLY A 47 -0.50 17.75 11.07
N LEU A 48 -1.34 18.06 10.08
CA LEU A 48 -2.53 18.87 10.27
C LEU A 48 -3.75 17.99 10.49
N LEU A 49 -4.57 18.34 11.48
CA LEU A 49 -5.80 17.63 11.81
C LEU A 49 -6.96 18.23 11.02
N TYR A 50 -7.66 17.41 10.24
CA TYR A 50 -8.80 17.85 9.47
C TYR A 50 -10.09 17.32 10.09
N ALA A 51 -11.09 18.22 10.17
CA ALA A 51 -12.46 17.91 10.55
C ALA A 51 -13.34 18.08 9.31
N VAL A 52 -14.02 17.00 8.93
CA VAL A 52 -14.71 16.90 7.65
C VAL A 52 -16.19 16.62 7.89
N GLY A 53 -17.04 17.48 7.32
CA GLY A 53 -18.47 17.22 7.26
C GLY A 53 -19.15 17.31 8.61
N GLY A 54 -20.21 16.52 8.76
CA GLY A 54 -20.99 16.49 9.98
C GLY A 54 -22.28 17.27 9.88
N ARG A 55 -22.77 17.71 11.04
CA ARG A 55 -24.03 18.42 11.13
C ARG A 55 -24.03 19.22 12.43
N ASN A 56 -24.61 20.41 12.37
CA ASN A 56 -24.77 21.28 13.53
C ASN A 56 -26.22 21.17 13.99
N ASN A 57 -26.42 20.41 15.07
CA ASN A 57 -27.70 20.30 15.78
C ASN A 57 -27.65 21.31 16.92
N SER A 58 -28.39 22.40 16.78
CA SER A 58 -28.36 23.50 17.74
C SER A 58 -29.78 23.80 18.19
N PRO A 59 -29.95 24.37 19.38
CA PRO A 59 -31.30 24.74 19.82
C PRO A 59 -32.04 25.66 18.86
N ASP A 60 -31.33 26.27 17.91
CA ASP A 60 -31.94 27.19 16.95
C ASP A 60 -31.87 26.70 15.50
N GLY A 61 -31.35 25.50 15.25
CA GLY A 61 -31.23 25.06 13.87
C GLY A 61 -30.69 23.65 13.79
N ASN A 62 -30.66 23.12 12.56
CA ASN A 62 -30.23 21.74 12.32
C ASN A 62 -29.70 21.63 10.89
N THR A 63 -28.43 22.00 10.69
CA THR A 63 -27.86 22.12 9.35
C THR A 63 -26.74 21.11 9.14
N ASP A 64 -26.89 20.25 8.13
CA ASP A 64 -25.76 19.42 7.70
C ASP A 64 -24.63 20.31 7.17
N SER A 65 -23.41 19.83 7.29
CA SER A 65 -22.22 20.63 7.01
C SER A 65 -21.40 20.01 5.89
N SER A 66 -21.03 20.84 4.91
CA SER A 66 -20.03 20.49 3.91
C SER A 66 -18.62 20.95 4.27
N ALA A 67 -18.42 21.48 5.47
CA ALA A 67 -17.20 22.21 5.76
C ALA A 67 -16.01 21.27 5.92
N LEU A 68 -14.84 21.79 5.59
CA LEU A 68 -13.57 21.14 5.90
C LEU A 68 -12.73 22.16 6.66
N ASP A 69 -12.28 21.80 7.86
CA ASP A 69 -11.51 22.72 8.68
C ASP A 69 -10.24 22.04 9.17
N CYS A 70 -9.19 22.84 9.37
CA CYS A 70 -7.83 22.36 9.57
C CYS A 70 -7.26 22.93 10.86
N TYR A 71 -6.79 22.06 11.73
CA TYR A 71 -6.23 22.43 13.03
C TYR A 71 -4.72 22.19 13.01
N ASN A 72 -3.96 23.21 13.42
CA ASN A 72 -2.51 23.11 13.49
C ASN A 72 -2.07 23.00 14.94
N PRO A 73 -1.50 21.86 15.37
CA PRO A 73 -1.09 21.74 16.78
C PRO A 73 0.04 22.68 17.15
N MET A 74 0.74 23.25 16.17
CA MET A 74 1.82 24.19 16.44
C MET A 74 1.28 25.55 16.86
N THR A 75 0.13 25.94 16.30
CA THR A 75 -0.47 27.23 16.59
C THR A 75 -1.71 27.13 17.46
N ASN A 76 -2.22 25.91 17.70
CA ASN A 76 -3.50 25.71 18.39
C ASN A 76 -4.58 26.59 17.75
N GLN A 77 -4.61 26.61 16.42
CA GLN A 77 -5.59 27.38 15.67
C GLN A 77 -6.25 26.53 14.59
N TRP A 78 -7.55 26.76 14.41
CA TRP A 78 -8.33 26.24 13.29
C TRP A 78 -8.33 27.25 12.15
N SER A 79 -8.36 26.74 10.92
CA SER A 79 -8.40 27.53 9.69
C SER A 79 -9.40 26.82 8.78
N PRO A 80 -10.30 27.54 8.13
CA PRO A 80 -11.20 26.88 7.19
C PRO A 80 -10.48 26.48 5.91
N CYS A 81 -11.03 25.45 5.26
CA CYS A 81 -10.57 25.02 3.95
C CYS A 81 -11.73 25.16 2.98
N ALA A 82 -11.48 24.86 1.71
CA ALA A 82 -12.56 24.85 0.75
C ALA A 82 -13.55 23.75 1.15
N PRO A 83 -14.86 23.98 1.00
CA PRO A 83 -15.83 22.96 1.40
C PRO A 83 -16.04 21.90 0.32
N MET A 84 -16.60 20.77 0.75
CA MET A 84 -16.99 19.73 -0.19
C MET A 84 -18.15 20.23 -1.06
N SER A 85 -18.41 19.50 -2.15
CA SER A 85 -19.48 19.88 -3.04
C SER A 85 -20.85 19.81 -2.38
N VAL A 86 -21.01 18.96 -1.37
CA VAL A 86 -22.31 18.77 -0.71
C VAL A 86 -22.11 18.56 0.77
N PRO A 87 -23.10 18.93 1.58
CA PRO A 87 -23.05 18.57 3.01
C PRO A 87 -23.11 17.05 3.18
N ARG A 88 -22.37 16.56 4.18
CA ARG A 88 -22.22 15.11 4.41
C ARG A 88 -22.26 14.88 5.93
N ASN A 89 -23.45 14.62 6.46
CA ASN A 89 -23.59 14.17 7.83
C ASN A 89 -23.32 12.67 7.91
N ARG A 90 -22.68 12.24 9.00
CA ARG A 90 -22.33 10.83 9.21
C ARG A 90 -21.47 10.32 8.05
N ILE A 91 -20.40 11.06 7.81
CA ILE A 91 -19.48 10.86 6.71
C ILE A 91 -18.43 9.82 7.10
N GLY A 92 -17.80 9.22 6.09
CA GLY A 92 -16.56 8.50 6.29
C GLY A 92 -15.45 9.14 5.47
N VAL A 93 -14.22 9.07 5.97
CA VAL A 93 -13.09 9.61 5.23
C VAL A 93 -11.90 8.67 5.30
N GLY A 94 -11.07 8.75 4.27
CA GLY A 94 -9.80 8.04 4.27
C GLY A 94 -8.76 8.88 3.59
N VAL A 95 -7.50 8.56 3.82
CA VAL A 95 -6.40 9.32 3.26
C VAL A 95 -5.56 8.41 2.38
N ILE A 96 -5.31 8.86 1.15
CA ILE A 96 -4.47 8.13 0.21
C ILE A 96 -3.53 9.14 -0.44
N ASP A 97 -2.22 8.92 -0.28
CA ASP A 97 -1.23 9.74 -0.99
C ASP A 97 -1.36 11.21 -0.63
N GLY A 98 -1.64 11.48 0.65
CA GLY A 98 -1.85 12.85 1.10
C GLY A 98 -3.12 13.52 0.61
N HIS A 99 -4.06 12.77 0.04
CA HIS A 99 -5.35 13.30 -0.38
C HIS A 99 -6.46 12.74 0.50
N ILE A 100 -7.47 13.56 0.78
CA ILE A 100 -8.57 13.17 1.66
C ILE A 100 -9.77 12.76 0.82
N TYR A 101 -10.25 11.53 1.00
CA TYR A 101 -11.45 11.05 0.34
C TYR A 101 -12.61 11.13 1.32
N ALA A 102 -13.67 11.83 0.89
CA ALA A 102 -14.91 11.95 1.64
C ALA A 102 -15.95 11.07 0.98
N VAL A 103 -16.57 10.23 1.79
CA VAL A 103 -17.36 9.09 1.34
C VAL A 103 -18.72 9.16 1.99
N GLY A 104 -19.78 9.14 1.17
CA GLY A 104 -21.12 8.90 1.64
C GLY A 104 -21.64 10.04 2.50
N GLY A 105 -22.40 9.69 3.53
CA GLY A 105 -23.03 10.67 4.38
C GLY A 105 -24.41 11.07 3.86
N SER A 106 -25.08 11.93 4.63
CA SER A 106 -26.43 12.37 4.29
C SER A 106 -26.46 13.89 4.20
N HIS A 107 -27.42 14.38 3.44
CA HIS A 107 -27.81 15.80 3.43
C HIS A 107 -29.33 15.82 3.45
N GLY A 108 -29.90 16.16 4.60
CA GLY A 108 -31.35 16.05 4.73
C GLY A 108 -31.76 14.61 4.47
N CYS A 109 -32.66 14.42 3.49
CA CYS A 109 -33.09 13.09 3.14
CA CYS A 109 -33.13 13.11 3.10
C CYS A 109 -32.27 12.46 2.03
N ILE A 110 -31.25 13.16 1.53
CA ILE A 110 -30.38 12.61 0.50
C ILE A 110 -29.35 11.71 1.17
N HIS A 111 -29.24 10.48 0.68
CA HIS A 111 -28.25 9.53 1.15
C HIS A 111 -27.22 9.37 0.04
N HIS A 112 -26.00 9.86 0.29
CA HIS A 112 -25.00 9.94 -0.77
C HIS A 112 -24.41 8.57 -1.09
N ASN A 113 -24.26 8.31 -2.38
CA ASN A 113 -23.25 7.39 -2.87
C ASN A 113 -22.03 8.12 -3.43
N SER A 114 -22.08 9.46 -3.51
CA SER A 114 -20.99 10.21 -4.10
C SER A 114 -19.76 10.22 -3.20
N VAL A 115 -18.61 10.46 -3.83
CA VAL A 115 -17.31 10.46 -3.17
C VAL A 115 -16.49 11.58 -3.79
N GLU A 116 -15.75 12.32 -2.96
CA GLU A 116 -14.90 13.37 -3.52
C GLU A 116 -13.55 13.38 -2.84
N ARG A 117 -12.58 13.99 -3.49
CA ARG A 117 -11.19 13.96 -3.07
C ARG A 117 -10.65 15.37 -2.93
N TYR A 118 -9.97 15.62 -1.81
CA TYR A 118 -9.42 16.91 -1.46
C TYR A 118 -7.91 16.86 -1.58
N GLU A 119 -7.35 17.87 -2.26
CA GLU A 119 -5.90 18.00 -2.42
C GLU A 119 -5.44 19.17 -1.58
N PRO A 120 -4.75 18.92 -0.45
CA PRO A 120 -4.34 20.04 0.42
C PRO A 120 -3.43 21.04 -0.24
N GLU A 121 -2.57 20.60 -1.16
CA GLU A 121 -1.64 21.50 -1.85
C GLU A 121 -2.37 22.57 -2.64
N ARG A 122 -3.57 22.29 -3.15
CA ARG A 122 -4.30 23.22 -3.99
C ARG A 122 -5.59 23.72 -3.35
N ASP A 123 -5.94 23.22 -2.17
CA ASP A 123 -7.21 23.54 -1.50
C ASP A 123 -8.39 23.40 -2.46
N GLU A 124 -8.52 22.20 -3.02
CA GLU A 124 -9.51 21.90 -4.04
C GLU A 124 -10.11 20.53 -3.80
N TRP A 125 -11.42 20.44 -4.01
CA TRP A 125 -12.17 19.19 -4.00
C TRP A 125 -12.57 18.84 -5.42
N HIS A 126 -12.56 17.55 -5.74
CA HIS A 126 -13.07 17.08 -7.02
C HIS A 126 -13.83 15.78 -6.82
N LEU A 127 -14.96 15.63 -7.51
CA LEU A 127 -15.74 14.41 -7.39
C LEU A 127 -15.00 13.27 -8.07
N VAL A 128 -15.13 12.06 -7.50
CA VAL A 128 -14.56 10.88 -8.14
C VAL A 128 -15.73 9.93 -8.40
N ALA A 129 -15.43 8.70 -8.79
CA ALA A 129 -16.50 7.75 -9.08
C ALA A 129 -17.33 7.51 -7.82
N PRO A 130 -18.65 7.46 -7.94
CA PRO A 130 -19.50 7.18 -6.79
C PRO A 130 -19.49 5.70 -6.42
N MET A 131 -19.80 5.44 -5.15
CA MET A 131 -19.91 4.08 -4.66
C MET A 131 -21.03 3.33 -5.36
N LEU A 132 -20.98 2.00 -5.25
CA LEU A 132 -22.08 1.17 -5.72
C LEU A 132 -23.31 1.32 -4.84
N THR A 133 -23.15 1.86 -3.64
CA THR A 133 -24.17 1.86 -2.61
C THR A 133 -24.24 3.24 -1.95
N ARG A 134 -25.45 3.71 -1.69
CA ARG A 134 -25.61 4.88 -0.83
C ARG A 134 -25.36 4.45 0.61
N ARG A 135 -24.46 5.15 1.31
CA ARG A 135 -24.03 4.74 2.63
C ARG A 135 -23.88 5.96 3.53
N ILE A 136 -24.69 6.04 4.57
CA ILE A 136 -24.46 7.01 5.63
C ILE A 136 -24.08 6.24 6.89
N GLY A 137 -23.35 6.89 7.77
CA GLY A 137 -22.74 6.14 8.86
C GLY A 137 -21.82 5.06 8.35
N VAL A 138 -21.11 5.34 7.26
CA VAL A 138 -20.22 4.38 6.62
C VAL A 138 -18.85 4.42 7.30
N GLY A 139 -18.25 3.25 7.49
CA GLY A 139 -16.88 3.20 7.98
C GLY A 139 -15.89 3.17 6.82
N VAL A 140 -14.78 3.88 6.97
CA VAL A 140 -13.83 4.02 5.87
C VAL A 140 -12.43 3.71 6.36
N ALA A 141 -11.67 2.99 5.56
CA ALA A 141 -10.30 2.65 5.92
C ALA A 141 -9.49 2.57 4.63
N VAL A 142 -8.18 2.73 4.75
CA VAL A 142 -7.30 2.64 3.59
C VAL A 142 -6.28 1.56 3.86
N LEU A 143 -6.13 0.67 2.89
CA LEU A 143 -5.21 -0.46 3.04
C LEU A 143 -4.52 -0.63 1.70
N ASN A 144 -3.18 -0.56 1.73
CA ASN A 144 -2.36 -0.70 0.53
C ASN A 144 -2.82 0.25 -0.57
N ARG A 145 -3.15 1.48 -0.17
CA ARG A 145 -3.56 2.55 -1.08
C ARG A 145 -4.86 2.23 -1.82
N LEU A 146 -5.69 1.37 -1.24
CA LEU A 146 -7.05 1.18 -1.71
C LEU A 146 -8.01 1.65 -0.63
N LEU A 147 -9.18 2.15 -1.05
CA LEU A 147 -10.10 2.80 -0.12
C LEU A 147 -11.31 1.92 0.11
N TYR A 148 -11.58 1.55 1.36
CA TYR A 148 -12.65 0.63 1.69
C TYR A 148 -13.78 1.36 2.40
N ALA A 149 -15.01 1.13 1.91
CA ALA A 149 -16.23 1.64 2.53
C ALA A 149 -17.03 0.45 3.06
N VAL A 150 -17.37 0.50 4.34
CA VAL A 150 -17.81 -0.67 5.10
C VAL A 150 -19.13 -0.34 5.79
N GLY A 151 -20.16 -1.15 5.53
CA GLY A 151 -21.41 -0.98 6.23
C GLY A 151 -22.15 0.31 5.88
N GLY A 152 -22.93 0.79 6.84
CA GLY A 152 -23.69 2.01 6.72
C GLY A 152 -25.19 1.78 6.63
N PHE A 153 -25.88 2.83 6.19
CA PHE A 153 -27.34 2.86 6.10
C PHE A 153 -27.70 3.53 4.78
N ASP A 154 -28.51 2.87 3.96
CA ASP A 154 -28.80 3.41 2.64
C ASP A 154 -30.10 4.22 2.61
N GLY A 155 -30.70 4.47 3.77
CA GLY A 155 -31.96 5.14 3.86
C GLY A 155 -33.13 4.22 4.10
N THR A 156 -33.00 2.94 3.76
CA THR A 156 -34.02 1.95 4.03
C THR A 156 -33.47 0.78 4.80
N ASN A 157 -32.32 0.27 4.36
CA ASN A 157 -31.69 -0.91 4.96
C ASN A 157 -30.30 -0.56 5.48
N ARG A 158 -29.97 -1.10 6.65
CA ARG A 158 -28.59 -1.09 7.12
C ARG A 158 -27.81 -2.25 6.50
N LEU A 159 -26.49 -2.08 6.41
CA LEU A 159 -25.66 -2.84 5.47
C LEU A 159 -24.55 -3.60 6.18
N ASN A 160 -24.25 -4.80 5.67
CA ASN A 160 -23.00 -5.49 5.97
C ASN A 160 -22.07 -5.53 4.77
N SER A 161 -22.52 -5.04 3.61
CA SER A 161 -21.68 -5.04 2.42
C SER A 161 -20.49 -4.11 2.59
N ALA A 162 -19.41 -4.43 1.90
CA ALA A 162 -18.25 -3.56 1.81
C ALA A 162 -17.81 -3.46 0.36
N GLU A 163 -17.25 -2.32 -0.01
CA GLU A 163 -16.74 -2.11 -1.35
C GLU A 163 -15.40 -1.40 -1.29
N CYS A 164 -14.65 -1.50 -2.38
CA CYS A 164 -13.27 -1.06 -2.47
C CYS A 164 -13.07 -0.17 -3.69
N TYR A 165 -12.45 0.98 -3.47
CA TYR A 165 -12.18 1.97 -4.50
C TYR A 165 -10.71 1.90 -4.90
N TYR A 166 -10.48 1.80 -6.23
CA TYR A 166 -9.17 1.78 -6.85
C TYR A 166 -8.91 3.16 -7.43
N PRO A 167 -8.08 4.00 -6.81
CA PRO A 167 -7.95 5.39 -7.27
C PRO A 167 -7.55 5.55 -8.73
N GLU A 168 -6.64 4.73 -9.24
CA GLU A 168 -6.13 4.97 -10.58
C GLU A 168 -6.93 4.28 -11.65
N ARG A 169 -7.91 3.46 -11.27
CA ARG A 169 -8.93 3.00 -12.20
C ARG A 169 -10.21 3.80 -12.03
N ASN A 170 -10.33 4.54 -10.94
CA ASN A 170 -11.51 5.32 -10.58
C ASN A 170 -12.78 4.48 -10.66
N GLU A 171 -12.77 3.39 -9.90
CA GLU A 171 -13.93 2.50 -9.86
C GLU A 171 -14.02 1.79 -8.52
N TRP A 172 -15.24 1.42 -8.16
CA TRP A 172 -15.56 0.69 -6.96
C TRP A 172 -15.91 -0.75 -7.31
N ARG A 173 -15.42 -1.69 -6.51
CA ARG A 173 -15.72 -3.10 -6.67
C ARG A 173 -16.17 -3.65 -5.32
N MET A 174 -17.26 -4.39 -5.32
CA MET A 174 -17.73 -5.02 -4.09
C MET A 174 -16.69 -6.03 -3.60
N ILE A 175 -16.54 -6.13 -2.28
CA ILE A 175 -15.69 -7.16 -1.69
C ILE A 175 -16.57 -8.08 -0.85
N THR A 176 -15.93 -8.99 -0.12
CA THR A 176 -16.66 -9.86 0.80
C THR A 176 -17.37 -9.02 1.86
N ALA A 177 -18.62 -9.37 2.14
CA ALA A 177 -19.40 -8.67 3.15
C ALA A 177 -18.98 -9.07 4.55
N MET A 178 -19.20 -8.16 5.51
CA MET A 178 -18.96 -8.44 6.91
C MET A 178 -19.90 -9.54 7.39
N ASN A 179 -19.56 -10.13 8.54
CA ASN A 179 -20.47 -11.07 9.18
C ASN A 179 -21.70 -10.37 9.74
N THR A 180 -21.57 -9.12 10.17
CA THR A 180 -22.63 -8.42 10.89
C THR A 180 -22.97 -7.12 10.18
N ILE A 181 -24.28 -6.83 10.11
CA ILE A 181 -24.73 -5.54 9.60
C ILE A 181 -24.37 -4.45 10.60
N ARG A 182 -23.79 -3.36 10.11
CA ARG A 182 -23.29 -2.28 10.98
C ARG A 182 -23.44 -0.94 10.29
N SER A 183 -24.21 -0.04 10.89
CA SER A 183 -24.13 1.38 10.57
C SER A 183 -23.53 2.11 11.77
N GLY A 184 -22.74 3.15 11.50
CA GLY A 184 -22.12 3.88 12.59
C GLY A 184 -21.09 3.07 13.35
N ALA A 185 -20.43 2.11 12.69
CA ALA A 185 -19.34 1.39 13.32
C ALA A 185 -18.07 2.22 13.28
N GLY A 186 -17.10 1.81 14.09
CA GLY A 186 -15.75 2.34 13.96
C GLY A 186 -14.91 1.45 13.08
N VAL A 187 -14.33 2.01 12.03
CA VAL A 187 -13.58 1.25 11.05
C VAL A 187 -12.19 1.86 10.93
N CYS A 188 -11.17 1.03 11.09
CA CYS A 188 -9.80 1.50 10.98
C CYS A 188 -8.94 0.40 10.36
N VAL A 189 -7.70 0.73 10.06
CA VAL A 189 -6.70 -0.26 9.67
C VAL A 189 -5.69 -0.41 10.79
N LEU A 190 -5.43 -1.66 11.18
CA LEU A 190 -4.48 -1.97 12.22
C LEU A 190 -3.54 -3.04 11.68
N HIS A 191 -2.24 -2.90 11.97
CA HIS A 191 -1.22 -3.84 11.50
C HIS A 191 -1.34 -4.10 9.99
N ASN A 192 -2.12 -5.11 9.62
CA ASN A 192 -2.32 -5.45 8.21
C ASN A 192 -3.73 -5.96 7.95
N CYS A 193 -4.73 -5.25 8.48
CA CYS A 193 -6.12 -5.64 8.29
C CYS A 193 -7.08 -4.48 8.53
N ILE A 194 -8.36 -4.71 8.24
CA ILE A 194 -9.40 -3.70 8.40
C ILE A 194 -10.29 -4.11 9.57
N TYR A 195 -10.35 -3.31 10.61
CA TYR A 195 -11.21 -3.60 11.76
C TYR A 195 -12.51 -2.81 11.67
N ALA A 196 -13.61 -3.49 11.97
CA ALA A 196 -14.94 -2.91 12.12
C ALA A 196 -15.44 -3.29 13.49
N ALA A 197 -15.68 -2.28 14.33
CA ALA A 197 -16.04 -2.46 15.73
C ALA A 197 -17.34 -1.74 16.02
N GLY A 198 -18.27 -2.44 16.67
CA GLY A 198 -19.49 -1.82 17.11
C GLY A 198 -20.41 -1.46 15.97
N GLY A 199 -21.21 -0.42 16.18
CA GLY A 199 -22.21 0.00 15.23
C GLY A 199 -23.62 -0.40 15.65
N TYR A 200 -24.55 -0.26 14.71
CA TYR A 200 -25.96 -0.50 14.94
C TYR A 200 -26.52 -1.32 13.78
N ASP A 201 -27.25 -2.39 14.09
CA ASP A 201 -27.79 -3.25 13.04
C ASP A 201 -29.28 -3.04 12.81
N GLY A 202 -29.86 -1.97 13.37
CA GLY A 202 -31.28 -1.75 13.30
C GLY A 202 -32.07 -2.33 14.46
N GLN A 203 -31.45 -3.12 15.32
CA GLN A 203 -32.14 -3.63 16.50
C GLN A 203 -31.30 -3.41 17.75
N ASP A 204 -30.00 -3.63 17.66
CA ASP A 204 -29.12 -3.48 18.81
C ASP A 204 -27.87 -2.70 18.44
N GLN A 205 -27.39 -1.94 19.41
CA GLN A 205 -26.01 -1.48 19.38
C GLN A 205 -25.11 -2.68 19.62
N LEU A 206 -23.94 -2.67 18.98
CA LEU A 206 -23.10 -3.85 18.89
C LEU A 206 -21.80 -3.67 19.66
N ASN A 207 -21.31 -4.77 20.23
CA ASN A 207 -19.98 -4.81 20.80
C ASN A 207 -19.05 -5.75 20.03
N SER A 208 -19.56 -6.45 19.03
CA SER A 208 -18.71 -7.34 18.25
C SER A 208 -17.72 -6.53 17.41
N VAL A 209 -16.56 -7.14 17.19
CA VAL A 209 -15.49 -6.57 16.36
C VAL A 209 -15.06 -7.66 15.39
N GLU A 210 -14.87 -7.29 14.13
CA GLU A 210 -14.37 -8.23 13.15
C GLU A 210 -13.36 -7.55 12.25
N ARG A 211 -12.48 -8.34 11.66
CA ARG A 211 -11.38 -7.80 10.88
C ARG A 211 -11.26 -8.52 9.55
N TYR A 212 -10.96 -7.74 8.53
CA TYR A 212 -10.86 -8.20 7.15
C TYR A 212 -9.39 -8.38 6.80
N ASP A 213 -9.07 -9.58 6.31
CA ASP A 213 -7.77 -9.89 5.76
C ASP A 213 -7.89 -9.92 4.24
N VAL A 214 -7.10 -9.05 3.59
CA VAL A 214 -7.15 -8.91 2.13
C VAL A 214 -6.57 -10.15 1.47
N ALA A 215 -5.56 -10.77 2.09
CA ALA A 215 -4.95 -11.95 1.53
C ALA A 215 -5.97 -13.08 1.35
N THR A 216 -6.82 -13.30 2.35
CA THR A 216 -7.85 -14.32 2.27
C THR A 216 -9.22 -13.76 1.91
N ALA A 217 -9.32 -12.44 1.71
CA ALA A 217 -10.60 -11.77 1.45
C ALA A 217 -11.67 -12.23 2.43
N THR A 218 -11.31 -12.27 3.71
CA THR A 218 -12.20 -12.87 4.71
C THR A 218 -12.34 -11.98 5.95
N TRP A 219 -13.56 -11.90 6.49
CA TRP A 219 -13.86 -11.23 7.75
C TRP A 219 -13.90 -12.25 8.87
N THR A 220 -13.17 -11.99 9.96
CA THR A 220 -13.15 -12.89 11.10
C THR A 220 -13.56 -12.19 12.39
N PHE A 221 -14.32 -12.89 13.22
CA PHE A 221 -14.79 -12.33 14.48
C PHE A 221 -13.70 -12.42 15.56
N VAL A 222 -13.45 -11.30 16.23
CA VAL A 222 -12.43 -11.25 17.27
C VAL A 222 -13.06 -10.85 18.60
N ALA A 223 -12.21 -10.64 19.60
CA ALA A 223 -12.68 -10.26 20.93
C ALA A 223 -13.54 -9.00 20.85
N PRO A 224 -14.76 -9.08 21.42
CA PRO A 224 -15.70 -7.96 21.40
C PRO A 224 -15.30 -6.89 22.42
N MET A 225 -15.81 -5.67 22.17
CA MET A 225 -15.60 -4.59 23.12
C MET A 225 -16.39 -4.86 24.40
N LYS A 226 -16.01 -4.15 25.46
CA LYS A 226 -16.73 -4.31 26.73
C LYS A 226 -18.12 -3.69 26.65
N HIS A 227 -18.26 -2.55 25.97
CA HIS A 227 -19.53 -1.85 25.89
C HIS A 227 -20.01 -1.77 24.44
N ARG A 228 -21.27 -2.14 24.23
CA ARG A 228 -21.89 -1.92 22.93
C ARG A 228 -21.99 -0.42 22.66
N ARG A 229 -21.77 -0.04 21.40
CA ARG A 229 -21.75 1.39 21.09
C ARG A 229 -21.91 1.57 19.59
N SER A 230 -22.76 2.53 19.23
CA SER A 230 -22.86 3.02 17.87
C SER A 230 -22.42 4.48 17.83
N ALA A 231 -22.02 4.92 16.63
CA ALA A 231 -21.50 6.28 16.44
C ALA A 231 -20.30 6.54 17.35
N LEU A 232 -19.42 5.57 17.43
CA LEU A 232 -18.19 5.69 18.21
C LEU A 232 -17.11 6.32 17.35
N GLY A 233 -16.13 6.95 18.01
CA GLY A 233 -14.90 7.33 17.35
C GLY A 233 -13.88 6.23 17.47
N ILE A 234 -12.94 6.18 16.53
CA ILE A 234 -11.94 5.12 16.52
C ILE A 234 -10.65 5.64 15.90
N THR A 235 -9.54 5.14 16.40
CA THR A 235 -8.25 5.48 15.82
C THR A 235 -7.22 4.45 16.25
N VAL A 236 -6.05 4.50 15.64
CA VAL A 236 -4.95 3.63 15.97
C VAL A 236 -3.82 4.49 16.52
N HIS A 237 -3.28 4.10 17.68
CA HIS A 237 -2.15 4.78 18.29
C HIS A 237 -1.17 3.72 18.79
N GLN A 238 0.08 3.83 18.35
CA GLN A 238 1.17 2.94 18.77
C GLN A 238 0.76 1.47 18.76
N GLY A 239 0.21 1.04 17.62
CA GLY A 239 -0.14 -0.36 17.42
C GLY A 239 -1.34 -0.86 18.19
N ARG A 240 -2.16 0.02 18.76
CA ARG A 240 -3.37 -0.40 19.45
C ARG A 240 -4.56 0.40 18.94
N ILE A 241 -5.75 -0.18 19.07
CA ILE A 241 -6.96 0.51 18.64
C ILE A 241 -7.61 1.18 19.84
N TYR A 242 -8.11 2.38 19.64
CA TYR A 242 -8.83 3.12 20.67
C TYR A 242 -10.21 3.45 20.13
N VAL A 243 -11.23 3.13 20.91
CA VAL A 243 -12.61 3.51 20.61
C VAL A 243 -13.10 4.47 21.70
N LEU A 244 -13.80 5.51 21.26
CA LEU A 244 -14.15 6.66 22.08
C LEU A 244 -15.65 6.90 22.00
N GLY A 245 -16.32 6.82 23.14
CA GLY A 245 -17.69 7.25 23.25
C GLY A 245 -18.64 6.42 22.41
N GLY A 246 -19.66 7.07 21.92
CA GLY A 246 -20.72 6.40 21.21
C GLY A 246 -22.02 6.40 22.00
N TYR A 247 -22.98 5.65 21.48
CA TYR A 247 -24.33 5.60 22.01
C TYR A 247 -24.72 4.14 22.18
N ASP A 248 -25.26 3.79 23.35
CA ASP A 248 -25.58 2.40 23.64
C ASP A 248 -27.08 2.14 23.73
N GLY A 249 -27.90 3.01 23.13
CA GLY A 249 -29.33 2.88 23.21
C GLY A 249 -29.95 3.57 24.41
N HIS A 250 -29.13 3.98 25.40
CA HIS A 250 -29.62 4.69 26.57
C HIS A 250 -28.79 5.92 26.86
N THR A 251 -27.47 5.84 26.75
CA THR A 251 -26.60 6.90 27.21
C THR A 251 -25.52 7.19 26.18
N PHE A 252 -25.03 8.42 26.21
CA PHE A 252 -23.88 8.83 25.41
C PHE A 252 -22.62 8.54 26.23
N LEU A 253 -21.82 7.60 25.75
CA LEU A 253 -20.72 7.04 26.53
C LEU A 253 -19.54 8.00 26.60
N ASP A 254 -18.85 8.00 27.74
CA ASP A 254 -17.53 8.60 27.83
C ASP A 254 -16.42 7.57 27.90
N SER A 255 -16.75 6.29 28.01
CA SER A 255 -15.80 5.19 27.99
C SER A 255 -14.86 5.24 26.80
N VAL A 256 -13.57 5.04 27.05
CA VAL A 256 -12.59 4.80 25.99
C VAL A 256 -12.01 3.41 26.20
N GLU A 257 -12.17 2.55 25.20
CA GLU A 257 -11.59 1.21 25.25
C GLU A 257 -10.39 1.09 24.32
N CYS A 258 -9.50 0.16 24.66
CA CYS A 258 -8.25 -0.05 23.93
C CYS A 258 -8.08 -1.52 23.61
N TYR A 259 -7.81 -1.81 22.34
CA TYR A 259 -7.62 -3.16 21.85
C TYR A 259 -6.14 -3.40 21.59
N ASP A 260 -5.60 -4.44 22.22
CA ASP A 260 -4.25 -4.92 21.99
C ASP A 260 -4.32 -6.15 21.09
N PRO A 261 -3.81 -6.09 19.86
CA PRO A 261 -3.91 -7.24 18.97
C PRO A 261 -3.04 -8.40 19.40
N ASP A 262 -1.97 -8.14 20.16
CA ASP A 262 -1.10 -9.24 20.60
C ASP A 262 -1.84 -10.19 21.53
N THR A 263 -2.62 -9.65 22.46
CA THR A 263 -3.40 -10.45 23.39
C THR A 263 -4.83 -10.71 22.94
N ASP A 264 -5.30 -10.02 21.90
CA ASP A 264 -6.71 -10.03 21.51
C ASP A 264 -7.60 -9.70 22.69
N THR A 265 -7.31 -8.57 23.33
CA THR A 265 -8.01 -8.15 24.54
C THR A 265 -8.36 -6.67 24.45
N TRP A 266 -9.57 -6.33 24.90
CA TRP A 266 -9.99 -4.96 25.12
C TRP A 266 -9.89 -4.59 26.60
N SER A 267 -9.53 -3.34 26.86
CA SER A 267 -9.57 -2.82 28.23
C SER A 267 -9.95 -1.35 28.20
N GLU A 268 -10.67 -0.93 29.24
CA GLU A 268 -11.00 0.47 29.45
C GLU A 268 -9.78 1.22 29.99
N VAL A 269 -9.36 2.26 29.28
CA VAL A 269 -8.16 2.99 29.64
C VAL A 269 -8.45 4.37 30.20
N THR A 270 -9.51 5.03 29.77
CA THR A 270 -9.83 6.36 30.30
C THR A 270 -11.32 6.64 30.11
N ARG A 271 -11.76 7.77 30.65
CA ARG A 271 -13.06 8.34 30.36
C ARG A 271 -12.86 9.73 29.78
N MET A 272 -13.60 10.05 28.73
CA MET A 272 -13.62 11.41 28.23
C MET A 272 -14.21 12.34 29.28
N THR A 273 -13.84 13.63 29.17
CA THR A 273 -14.40 14.65 30.06
C THR A 273 -15.93 14.63 30.10
N SER A 274 -16.58 14.25 29.00
CA SER A 274 -18.04 14.16 28.97
C SER A 274 -18.44 13.19 27.87
N GLY A 275 -19.49 12.43 28.11
CA GLY A 275 -19.94 11.44 27.14
C GLY A 275 -20.46 12.10 25.88
N ARG A 276 -20.24 11.43 24.75
CA ARG A 276 -20.61 11.99 23.46
C ARG A 276 -20.52 10.92 22.40
N SER A 277 -21.29 11.08 21.34
CA SER A 277 -21.25 10.22 20.17
C SER A 277 -20.91 11.05 18.94
N GLY A 278 -20.63 10.36 17.85
CA GLY A 278 -20.43 11.03 16.57
C GLY A 278 -19.24 11.95 16.50
N VAL A 279 -18.13 11.59 17.12
CA VAL A 279 -16.92 12.42 17.13
C VAL A 279 -16.07 12.12 15.90
N GLY A 280 -15.15 13.03 15.60
CA GLY A 280 -14.07 12.77 14.66
C GLY A 280 -12.77 12.59 15.44
N VAL A 281 -12.08 11.49 15.16
CA VAL A 281 -10.87 11.13 15.91
C VAL A 281 -9.70 10.95 14.95
N ALA A 282 -8.53 11.45 15.37
CA ALA A 282 -7.30 11.18 14.63
C ALA A 282 -6.11 11.41 15.55
N VAL A 283 -4.93 11.02 15.09
CA VAL A 283 -3.72 11.05 15.92
C VAL A 283 -2.70 11.96 15.28
N THR A 284 -2.12 12.86 16.08
CA THR A 284 -1.00 13.65 15.54
C THR A 284 -0.18 14.21 16.67
N MET A 285 0.88 14.95 16.31
CA MET A 285 1.84 15.49 17.26
C MET A 285 1.14 16.33 18.33
N GLU A 286 1.69 16.30 19.53
CA GLU A 286 1.12 17.08 20.62
C GLU A 286 1.35 18.57 20.37
N PRO A 287 0.47 19.42 20.87
CA PRO A 287 0.59 20.86 20.59
C PRO A 287 1.79 21.49 21.26
N SER A 288 2.14 22.68 20.76
CA SER A 288 3.23 23.48 21.33
C SER A 288 2.68 24.25 22.53
N ARG A 289 3.57 24.66 23.42
CA ARG A 289 3.12 25.07 24.75
C ARG A 289 3.28 26.56 24.98
N ARG B 1 13.34 11.21 -4.22
CA ARG B 1 13.81 9.84 -4.39
C ARG B 1 14.25 9.59 -5.83
N LEU B 2 15.25 8.73 -5.99
CA LEU B 2 15.86 8.44 -7.28
C LEU B 2 15.73 6.96 -7.61
N ILE B 3 15.83 6.65 -8.90
CA ILE B 3 15.84 5.27 -9.38
C ILE B 3 17.27 4.88 -9.71
N TYR B 4 17.83 3.96 -8.93
CA TYR B 4 19.18 3.47 -9.12
C TYR B 4 19.16 2.19 -9.95
N THR B 5 20.03 2.14 -10.96
CA THR B 5 20.31 0.95 -11.74
C THR B 5 21.76 0.53 -11.50
N ALA B 6 21.96 -0.75 -11.21
CA ALA B 6 23.25 -1.32 -10.84
C ALA B 6 23.56 -2.50 -11.75
N GLY B 7 24.82 -2.57 -12.19
CA GLY B 7 25.29 -3.67 -12.99
C GLY B 7 24.74 -3.64 -14.40
N GLY B 8 24.62 -4.82 -15.00
CA GLY B 8 24.19 -4.96 -16.37
C GLY B 8 25.25 -5.62 -17.23
N TYR B 9 24.96 -5.77 -18.51
CA TYR B 9 25.89 -6.42 -19.42
C TYR B 9 26.01 -5.79 -20.81
N PHE B 10 27.24 -5.45 -21.17
CA PHE B 10 27.57 -4.87 -22.47
C PHE B 10 28.91 -5.48 -22.83
N ARG B 11 28.85 -6.77 -23.18
CA ARG B 11 29.97 -7.67 -23.55
C ARG B 11 30.84 -8.18 -22.37
N GLN B 12 30.49 -7.76 -21.16
CA GLN B 12 31.15 -8.12 -19.91
C GLN B 12 30.29 -7.57 -18.77
N SER B 13 30.34 -8.20 -17.60
CA SER B 13 29.55 -7.74 -16.46
C SER B 13 29.97 -6.30 -16.15
N LEU B 14 28.98 -5.41 -15.98
CA LEU B 14 29.31 -4.02 -15.71
C LEU B 14 29.23 -3.71 -14.22
N SER B 15 29.97 -2.67 -13.83
CA SER B 15 30.00 -2.20 -12.45
C SER B 15 29.24 -0.90 -12.25
N TYR B 16 28.54 -0.42 -13.27
CA TYR B 16 27.89 0.88 -13.20
C TYR B 16 26.83 0.91 -12.10
N LEU B 17 26.87 1.97 -11.29
CA LEU B 17 25.74 2.37 -10.44
C LEU B 17 25.35 3.77 -10.85
N GLU B 18 24.15 3.90 -11.42
CA GLU B 18 23.66 5.19 -11.90
C GLU B 18 22.28 5.46 -11.32
N ALA B 19 21.96 6.75 -11.18
CA ALA B 19 20.72 7.19 -10.55
C ALA B 19 20.00 8.18 -11.45
N TYR B 20 18.74 7.87 -11.75
CA TYR B 20 17.89 8.70 -12.59
C TYR B 20 16.88 9.45 -11.72
N ASN B 21 16.74 10.74 -11.99
CA ASN B 21 15.74 11.61 -11.36
C ASN B 21 14.62 11.84 -12.35
N PRO B 22 13.45 11.22 -12.17
CA PRO B 22 12.36 11.37 -13.15
C PRO B 22 11.87 12.80 -13.34
N SER B 23 12.27 13.73 -12.47
CA SER B 23 11.80 15.11 -12.59
C SER B 23 12.59 15.88 -13.63
N ASP B 24 13.91 16.03 -13.42
CA ASP B 24 14.74 16.84 -14.29
C ASP B 24 15.37 16.08 -15.46
N GLY B 25 15.30 14.75 -15.47
CA GLY B 25 15.89 13.99 -16.56
C GLY B 25 17.39 13.81 -16.47
N THR B 26 18.01 14.25 -15.39
CA THR B 26 19.46 14.12 -15.23
C THR B 26 19.84 12.68 -14.88
N TRP B 27 21.02 12.27 -15.33
CA TRP B 27 21.65 11.01 -14.93
C TRP B 27 22.87 11.28 -14.06
N LEU B 28 22.90 10.70 -12.86
CA LEU B 28 24.05 10.80 -11.97
C LEU B 28 24.82 9.48 -11.98
N ARG B 29 26.14 9.56 -12.16
CA ARG B 29 26.99 8.38 -12.03
C ARG B 29 27.58 8.33 -10.62
N LEU B 30 27.44 7.18 -9.97
CA LEU B 30 27.78 6.99 -8.57
C LEU B 30 28.88 5.94 -8.44
N ALA B 31 29.12 5.48 -7.21
CA ALA B 31 30.22 4.57 -6.94
C ALA B 31 30.03 3.23 -7.65
N ASP B 32 31.10 2.76 -8.28
CA ASP B 32 31.09 1.48 -8.97
C ASP B 32 30.85 0.33 -7.98
N LEU B 33 30.15 -0.69 -8.46
CA LEU B 33 30.16 -1.98 -7.78
C LEU B 33 31.59 -2.48 -7.62
N GLN B 34 31.85 -3.17 -6.51
CA GLN B 34 33.18 -3.75 -6.33
C GLN B 34 33.42 -4.89 -7.31
N VAL B 35 32.38 -5.63 -7.66
CA VAL B 35 32.49 -6.71 -8.63
C VAL B 35 31.45 -6.47 -9.71
N PRO B 36 31.84 -6.47 -10.99
CA PRO B 36 30.85 -6.34 -12.06
C PRO B 36 29.88 -7.51 -12.02
N ARG B 37 28.62 -7.24 -12.34
CA ARG B 37 27.63 -8.32 -12.35
C ARG B 37 26.46 -7.95 -13.24
N SER B 38 25.95 -8.95 -13.96
CA SER B 38 24.70 -8.87 -14.70
C SER B 38 23.80 -10.00 -14.23
N GLY B 39 22.50 -9.88 -14.49
CA GLY B 39 21.57 -10.88 -14.01
C GLY B 39 21.33 -10.82 -12.52
N LEU B 40 21.68 -9.70 -11.89
CA LEU B 40 21.46 -9.47 -10.48
C LEU B 40 20.09 -8.82 -10.28
N ALA B 41 19.68 -8.72 -9.02
CA ALA B 41 18.48 -7.98 -8.70
C ALA B 41 18.81 -6.90 -7.66
N GLY B 42 18.03 -5.84 -7.67
CA GLY B 42 18.19 -4.75 -6.73
C GLY B 42 16.95 -4.58 -5.87
N CYS B 43 17.16 -4.11 -4.64
CA CYS B 43 16.05 -3.82 -3.73
C CYS B 43 16.51 -2.76 -2.75
N VAL B 44 15.55 -2.22 -1.99
CA VAL B 44 15.85 -1.22 -0.97
C VAL B 44 15.29 -1.68 0.37
N VAL B 45 16.14 -1.70 1.39
CA VAL B 45 15.71 -1.91 2.77
C VAL B 45 16.32 -0.82 3.64
N GLY B 46 15.52 -0.25 4.52
CA GLY B 46 15.91 1.01 5.12
C GLY B 46 16.00 2.07 4.05
N GLY B 47 17.15 2.71 3.95
CA GLY B 47 17.43 3.54 2.80
C GLY B 47 18.60 2.94 2.04
N LEU B 48 18.91 1.69 2.37
CA LEU B 48 20.10 1.01 1.86
C LEU B 48 19.74 0.21 0.62
N LEU B 49 20.54 0.37 -0.43
CA LEU B 49 20.34 -0.32 -1.70
C LEU B 49 21.09 -1.64 -1.68
N TYR B 50 20.37 -2.74 -1.89
CA TYR B 50 20.99 -4.06 -1.92
C TYR B 50 21.07 -4.55 -3.36
N ALA B 51 22.24 -5.08 -3.70
CA ALA B 51 22.52 -5.77 -4.95
C ALA B 51 22.71 -7.25 -4.64
N VAL B 52 21.92 -8.09 -5.29
CA VAL B 52 21.78 -9.51 -4.95
C VAL B 52 22.11 -10.35 -6.17
N GLY B 53 23.06 -11.26 -6.00
CA GLY B 53 23.31 -12.32 -6.95
C GLY B 53 23.87 -11.82 -8.28
N GLY B 54 23.56 -12.57 -9.33
CA GLY B 54 24.03 -12.27 -10.65
C GLY B 54 25.23 -13.11 -11.03
N ARG B 55 26.01 -12.58 -11.96
CA ARG B 55 27.18 -13.28 -12.46
C ARG B 55 28.12 -12.29 -13.13
N ASN B 56 29.43 -12.50 -12.97
CA ASN B 56 30.44 -11.67 -13.63
C ASN B 56 30.90 -12.43 -14.86
N ASN B 57 30.35 -12.03 -16.01
CA ASN B 57 30.69 -12.56 -17.33
C ASN B 57 31.73 -11.62 -17.93
N SER B 58 32.99 -12.03 -17.91
CA SER B 58 34.13 -11.21 -18.29
C SER B 58 35.02 -11.99 -19.26
N PRO B 59 35.89 -11.29 -20.02
CA PRO B 59 36.82 -12.00 -20.92
C PRO B 59 37.68 -13.04 -20.22
N ASP B 60 37.72 -13.01 -18.89
CA ASP B 60 38.54 -13.95 -18.14
C ASP B 60 37.73 -14.87 -17.23
N GLY B 61 36.39 -14.82 -17.27
CA GLY B 61 35.65 -15.67 -16.36
C GLY B 61 34.16 -15.55 -16.55
N ASN B 62 33.43 -16.35 -15.79
CA ASN B 62 31.97 -16.36 -15.83
C ASN B 62 31.52 -16.88 -14.46
N THR B 63 31.60 -16.02 -13.46
CA THR B 63 31.46 -16.49 -12.08
C THR B 63 30.09 -16.08 -11.56
N ASP B 64 29.26 -17.10 -11.28
CA ASP B 64 27.98 -16.85 -10.63
C ASP B 64 28.23 -16.28 -9.23
N SER B 65 27.31 -15.44 -8.78
CA SER B 65 27.54 -14.68 -7.57
C SER B 65 26.52 -15.07 -6.51
N SER B 66 27.02 -15.44 -5.34
CA SER B 66 26.21 -15.57 -4.14
C SER B 66 26.23 -14.31 -3.31
N ALA B 67 26.84 -13.25 -3.82
CA ALA B 67 27.15 -12.06 -3.03
C ALA B 67 25.91 -11.23 -2.76
N LEU B 68 25.92 -10.54 -1.63
CA LEU B 68 24.96 -9.50 -1.30
C LEU B 68 25.75 -8.25 -0.91
N ASP B 69 25.47 -7.13 -1.57
CA ASP B 69 26.20 -5.91 -1.31
C ASP B 69 25.24 -4.76 -1.02
N CYS B 70 25.71 -3.85 -0.17
CA CYS B 70 24.87 -2.82 0.43
C CYS B 70 25.47 -1.46 0.12
N TYR B 71 24.68 -0.60 -0.51
CA TYR B 71 25.08 0.73 -0.91
C TYR B 71 24.36 1.74 -0.03
N ASN B 72 25.12 2.67 0.53
CA ASN B 72 24.52 3.69 1.39
C ASN B 72 24.48 5.00 0.61
N PRO B 73 23.29 5.52 0.25
CA PRO B 73 23.24 6.73 -0.59
C PRO B 73 23.78 7.97 0.10
N MET B 74 23.91 7.96 1.42
CA MET B 74 24.46 9.09 2.15
C MET B 74 25.98 9.13 2.07
N THR B 75 26.63 7.97 2.03
CA THR B 75 28.09 7.87 2.07
C THR B 75 28.72 7.51 0.73
N ASN B 76 27.91 7.14 -0.27
CA ASN B 76 28.41 6.63 -1.55
C ASN B 76 29.40 5.50 -1.34
N GLN B 77 29.06 4.57 -0.44
CA GLN B 77 29.92 3.45 -0.13
C GLN B 77 29.17 2.13 -0.25
N TRP B 78 29.86 1.14 -0.83
CA TRP B 78 29.42 -0.25 -0.85
C TRP B 78 30.05 -1.00 0.30
N SER B 79 29.31 -1.97 0.85
CA SER B 79 29.77 -2.81 1.94
C SER B 79 29.30 -4.23 1.67
N PRO B 80 30.15 -5.22 1.85
CA PRO B 80 29.69 -6.61 1.70
C PRO B 80 28.84 -7.03 2.89
N CYS B 81 27.89 -7.90 2.61
CA CYS B 81 27.07 -8.56 3.62
C CYS B 81 27.27 -10.06 3.49
N ALA B 82 26.60 -10.82 4.35
CA ALA B 82 26.74 -12.26 4.31
C ALA B 82 26.29 -12.81 2.97
N PRO B 83 26.97 -13.81 2.43
CA PRO B 83 26.56 -14.39 1.15
C PRO B 83 25.45 -15.41 1.32
N MET B 84 24.73 -15.63 0.21
CA MET B 84 23.68 -16.64 0.16
C MET B 84 24.28 -18.04 0.22
N SER B 85 23.40 -19.01 0.47
CA SER B 85 23.84 -20.41 0.52
C SER B 85 24.36 -20.87 -0.83
N VAL B 86 23.89 -20.27 -1.92
CA VAL B 86 24.28 -20.69 -3.27
C VAL B 86 24.39 -19.48 -4.16
N PRO B 87 25.23 -19.56 -5.19
CA PRO B 87 25.20 -18.52 -6.23
C PRO B 87 23.89 -18.54 -6.98
N ARG B 88 23.40 -17.35 -7.36
CA ARG B 88 22.10 -17.21 -8.01
C ARG B 88 22.23 -16.20 -9.14
N ASN B 89 22.56 -16.67 -10.34
CA ASN B 89 22.51 -15.83 -11.53
C ASN B 89 21.07 -15.74 -12.01
N ARG B 90 20.69 -14.57 -12.52
CA ARG B 90 19.33 -14.33 -13.02
C ARG B 90 18.31 -14.58 -11.92
N ILE B 91 18.57 -13.95 -10.78
CA ILE B 91 17.81 -14.12 -9.56
C ILE B 91 16.60 -13.18 -9.58
N GLY B 92 15.61 -13.49 -8.74
CA GLY B 92 14.57 -12.54 -8.40
C GLY B 92 14.62 -12.24 -6.91
N VAL B 93 14.22 -11.03 -6.54
CA VAL B 93 14.19 -10.67 -5.13
C VAL B 93 12.90 -9.97 -4.77
N GLY B 94 12.51 -10.13 -3.51
CA GLY B 94 11.41 -9.38 -2.95
C GLY B 94 11.70 -9.08 -1.49
N VAL B 95 10.98 -8.12 -0.92
CA VAL B 95 11.20 -7.74 0.46
C VAL B 95 9.90 -7.87 1.24
N ILE B 96 9.95 -8.60 2.36
CA ILE B 96 8.82 -8.83 3.25
C ILE B 96 9.30 -8.73 4.69
N ASP B 97 8.64 -7.88 5.48
CA ASP B 97 8.89 -7.81 6.92
C ASP B 97 10.33 -7.37 7.20
N GLY B 98 10.85 -6.48 6.37
CA GLY B 98 12.22 -6.05 6.49
C GLY B 98 13.26 -7.11 6.17
N HIS B 99 12.85 -8.24 5.61
CA HIS B 99 13.76 -9.30 5.19
C HIS B 99 13.75 -9.44 3.68
N ILE B 100 14.90 -9.80 3.12
CA ILE B 100 15.08 -9.91 1.69
C ILE B 100 14.95 -11.38 1.30
N TYR B 101 14.03 -11.68 0.38
CA TYR B 101 13.88 -13.00 -0.18
C TYR B 101 14.61 -13.06 -1.51
N ALA B 102 15.48 -14.05 -1.63
CA ALA B 102 16.21 -14.36 -2.86
C ALA B 102 15.60 -15.62 -3.44
N VAL B 103 15.24 -15.54 -4.73
CA VAL B 103 14.34 -16.46 -5.40
C VAL B 103 15.02 -17.01 -6.64
N GLY B 104 15.14 -18.33 -6.70
CA GLY B 104 15.51 -18.99 -7.93
C GLY B 104 16.91 -18.64 -8.38
N GLY B 105 17.06 -18.49 -9.68
CA GLY B 105 18.36 -18.23 -10.25
C GLY B 105 19.09 -19.51 -10.56
N SER B 106 20.24 -19.35 -11.19
CA SER B 106 21.03 -20.50 -11.62
C SER B 106 22.43 -20.43 -11.03
N HIS B 107 23.03 -21.62 -10.91
CA HIS B 107 24.45 -21.78 -10.63
C HIS B 107 24.92 -22.88 -11.57
N GLY B 108 25.66 -22.49 -12.62
CA GLY B 108 25.99 -23.45 -13.66
C GLY B 108 24.75 -24.06 -14.28
N CYS B 109 24.76 -25.38 -14.46
CA CYS B 109 23.63 -26.12 -15.01
CA CYS B 109 23.61 -26.05 -15.03
C CYS B 109 22.48 -26.27 -14.02
N ILE B 110 22.65 -25.82 -12.79
CA ILE B 110 21.61 -25.97 -11.77
C ILE B 110 20.65 -24.78 -11.84
N HIS B 111 19.36 -25.08 -11.95
CA HIS B 111 18.31 -24.08 -11.92
C HIS B 111 17.59 -24.22 -10.59
N HIS B 112 17.73 -23.23 -9.73
CA HIS B 112 17.23 -23.35 -8.37
C HIS B 112 15.70 -23.27 -8.34
N ASN B 113 15.09 -24.14 -7.56
CA ASN B 113 13.78 -23.85 -7.00
C ASN B 113 13.89 -23.38 -5.56
N SER B 114 15.10 -23.36 -5.02
CA SER B 114 15.32 -22.97 -3.64
C SER B 114 15.13 -21.47 -3.47
N VAL B 115 14.81 -21.08 -2.23
CA VAL B 115 14.55 -19.70 -1.85
C VAL B 115 15.17 -19.49 -0.48
N GLU B 116 15.77 -18.34 -0.26
CA GLU B 116 16.33 -18.06 1.07
C GLU B 116 16.03 -16.62 1.48
N ARG B 117 16.11 -16.37 2.78
CA ARG B 117 15.72 -15.09 3.35
C ARG B 117 16.87 -14.54 4.19
N TYR B 118 17.15 -13.26 3.98
CA TYR B 118 18.22 -12.53 4.64
C TYR B 118 17.61 -11.55 5.62
N GLU B 119 18.15 -11.53 6.84
CA GLU B 119 17.71 -10.62 7.88
C GLU B 119 18.76 -9.54 8.10
N PRO B 120 18.50 -8.29 7.70
CA PRO B 120 19.51 -7.25 7.92
C PRO B 120 19.88 -7.07 9.38
N GLU B 121 18.91 -7.27 10.28
CA GLU B 121 19.19 -7.17 11.71
C GLU B 121 20.24 -8.16 12.17
N ARG B 122 20.34 -9.33 11.53
CA ARG B 122 21.24 -10.39 11.98
C ARG B 122 22.33 -10.73 10.98
N ASP B 123 22.33 -10.12 9.79
CA ASP B 123 23.26 -10.46 8.72
C ASP B 123 23.34 -11.97 8.52
N GLU B 124 22.17 -12.57 8.24
CA GLU B 124 22.05 -14.01 8.13
C GLU B 124 21.10 -14.39 7.01
N TRP B 125 21.44 -15.48 6.32
CA TRP B 125 20.57 -16.13 5.35
C TRP B 125 20.08 -17.44 5.94
N HIS B 126 18.82 -17.76 5.69
CA HIS B 126 18.26 -19.06 6.06
C HIS B 126 17.31 -19.51 4.97
N LEU B 127 17.37 -20.80 4.63
CA LEU B 127 16.51 -21.34 3.60
C LEU B 127 15.07 -21.47 4.09
N VAL B 128 14.14 -21.27 3.16
CA VAL B 128 12.72 -21.46 3.40
C VAL B 128 12.26 -22.54 2.45
N ALA B 129 10.95 -22.75 2.36
CA ALA B 129 10.43 -23.79 1.47
C ALA B 129 10.80 -23.48 0.03
N PRO B 130 11.20 -24.48 -0.75
CA PRO B 130 11.50 -24.23 -2.16
C PRO B 130 10.22 -24.06 -2.98
N MET B 131 10.36 -23.35 -4.09
CA MET B 131 9.23 -23.16 -4.99
C MET B 131 8.78 -24.50 -5.56
N LEU B 132 7.56 -24.51 -6.07
CA LEU B 132 7.07 -25.68 -6.80
C LEU B 132 7.82 -25.88 -8.10
N THR B 133 8.52 -24.85 -8.57
CA THR B 133 9.11 -24.80 -9.88
C THR B 133 10.52 -24.23 -9.76
N ARG B 134 11.45 -24.81 -10.50
CA ARG B 134 12.76 -24.18 -10.67
C ARG B 134 12.60 -23.00 -11.62
N ARG B 135 13.13 -21.84 -11.23
CA ARG B 135 12.89 -20.60 -11.97
C ARG B 135 14.16 -19.75 -12.01
N ILE B 136 14.70 -19.55 -13.21
CA ILE B 136 15.70 -18.53 -13.44
C ILE B 136 15.10 -17.51 -14.39
N GLY B 137 15.64 -16.29 -14.34
CA GLY B 137 14.98 -15.18 -15.02
C GLY B 137 13.58 -14.97 -14.51
N VAL B 138 13.36 -15.21 -13.22
CA VAL B 138 12.05 -15.12 -12.59
C VAL B 138 11.82 -13.68 -12.16
N GLY B 139 10.59 -13.19 -12.34
CA GLY B 139 10.20 -11.90 -11.81
C GLY B 139 9.57 -12.10 -10.43
N VAL B 140 9.85 -11.18 -9.53
CA VAL B 140 9.38 -11.32 -8.15
C VAL B 140 8.69 -10.02 -7.73
N ALA B 141 7.59 -10.16 -7.00
CA ALA B 141 6.83 -9.01 -6.53
C ALA B 141 6.25 -9.34 -5.17
N VAL B 142 5.91 -8.31 -4.42
CA VAL B 142 5.31 -8.48 -3.10
C VAL B 142 3.99 -7.75 -3.08
N LEU B 143 2.93 -8.44 -2.65
CA LEU B 143 1.60 -7.85 -2.60
C LEU B 143 0.87 -8.40 -1.38
N ASN B 144 0.37 -7.49 -0.54
CA ASN B 144 -0.37 -7.86 0.67
C ASN B 144 0.43 -8.82 1.53
N ARG B 145 1.74 -8.55 1.62
CA ARG B 145 2.68 -9.31 2.46
C ARG B 145 2.78 -10.77 2.01
N LEU B 146 2.47 -11.04 0.73
CA LEU B 146 2.72 -12.34 0.12
C LEU B 146 3.70 -12.16 -1.03
N LEU B 147 4.49 -13.20 -1.31
CA LEU B 147 5.56 -13.02 -2.31
C LEU B 147 5.27 -13.83 -3.56
N TYR B 148 5.27 -13.17 -4.71
CA TYR B 148 4.92 -13.81 -5.98
C TYR B 148 6.17 -14.01 -6.83
N ALA B 149 6.31 -15.22 -7.37
CA ALA B 149 7.35 -15.58 -8.33
C ALA B 149 6.67 -15.86 -9.65
N VAL B 150 7.08 -15.16 -10.70
CA VAL B 150 6.33 -15.00 -11.93
C VAL B 150 7.23 -15.33 -13.11
N GLY B 151 6.80 -16.27 -13.94
CA GLY B 151 7.49 -16.60 -15.16
C GLY B 151 8.84 -17.25 -14.88
N GLY B 152 9.73 -17.12 -15.84
CA GLY B 152 11.06 -17.67 -15.73
C GLY B 152 11.31 -18.85 -16.64
N PHE B 153 12.38 -19.59 -16.32
CA PHE B 153 12.86 -20.70 -17.12
C PHE B 153 13.32 -21.81 -16.17
N ASP B 154 12.82 -23.03 -16.36
CA ASP B 154 13.15 -24.12 -15.45
C ASP B 154 14.32 -24.97 -15.94
N GLY B 155 14.99 -24.55 -17.00
CA GLY B 155 16.04 -25.31 -17.63
C GLY B 155 15.61 -26.02 -18.91
N THR B 156 14.32 -26.29 -19.05
CA THR B 156 13.77 -26.86 -20.27
C THR B 156 12.62 -26.03 -20.83
N ASN B 157 11.70 -25.59 -19.98
CA ASN B 157 10.53 -24.85 -20.40
C ASN B 157 10.58 -23.44 -19.83
N ARG B 158 10.25 -22.47 -20.67
CA ARG B 158 9.95 -21.15 -20.16
C ARG B 158 8.50 -21.14 -19.71
N LEU B 159 8.20 -20.26 -18.75
CA LEU B 159 7.03 -20.45 -17.91
C LEU B 159 6.08 -19.27 -18.04
N ASN B 160 4.78 -19.57 -18.01
CA ASN B 160 3.78 -18.56 -17.78
C ASN B 160 3.16 -18.71 -16.40
N SER B 161 3.53 -19.75 -15.67
CA SER B 161 3.01 -19.96 -14.33
C SER B 161 3.54 -18.90 -13.38
N ALA B 162 2.74 -18.61 -12.36
CA ALA B 162 3.15 -17.79 -11.22
C ALA B 162 2.73 -18.53 -9.97
N GLU B 163 3.52 -18.36 -8.91
CA GLU B 163 3.21 -18.98 -7.63
C GLU B 163 3.43 -17.97 -6.53
N CYS B 164 2.82 -18.24 -5.38
CA CYS B 164 2.75 -17.28 -4.29
C CYS B 164 3.20 -17.98 -3.02
N TYR B 165 4.11 -17.34 -2.29
CA TYR B 165 4.68 -17.84 -1.06
C TYR B 165 3.95 -17.16 0.08
N TYR B 166 3.47 -17.99 1.03
CA TYR B 166 2.78 -17.53 2.23
C TYR B 166 3.73 -17.60 3.40
N PRO B 167 4.25 -16.48 3.87
CA PRO B 167 5.29 -16.52 4.92
C PRO B 167 4.85 -17.24 6.18
N GLU B 168 3.57 -17.15 6.54
CA GLU B 168 3.14 -17.67 7.83
C GLU B 168 2.81 -19.15 7.77
N ARG B 169 2.73 -19.72 6.57
CA ARG B 169 2.66 -21.16 6.40
C ARG B 169 3.96 -21.77 5.86
N ASN B 170 4.87 -20.95 5.35
CA ASN B 170 6.09 -21.40 4.69
C ASN B 170 5.75 -22.44 3.62
N GLU B 171 4.91 -22.02 2.68
CA GLU B 171 4.53 -22.91 1.59
C GLU B 171 4.20 -22.08 0.35
N TRP B 172 4.35 -22.73 -0.79
CA TRP B 172 4.10 -22.16 -2.10
C TRP B 172 2.80 -22.72 -2.67
N ARG B 173 1.99 -21.85 -3.26
CA ARG B 173 0.76 -22.27 -3.93
C ARG B 173 0.73 -21.65 -5.31
N MET B 174 0.45 -22.46 -6.32
CA MET B 174 0.28 -21.96 -7.68
C MET B 174 -0.93 -21.04 -7.76
N ILE B 175 -0.82 -20.02 -8.61
CA ILE B 175 -1.97 -19.15 -8.91
C ILE B 175 -2.30 -19.27 -10.39
N THR B 176 -3.19 -18.42 -10.89
CA THR B 176 -3.49 -18.39 -12.31
C THR B 176 -2.23 -18.06 -13.12
N ALA B 177 -2.02 -18.78 -14.20
CA ALA B 177 -0.88 -18.53 -15.07
C ALA B 177 -1.13 -17.29 -15.91
N MET B 178 -0.03 -16.64 -16.32
CA MET B 178 -0.15 -15.52 -17.24
C MET B 178 -0.70 -15.99 -18.59
N ASN B 179 -1.16 -15.02 -19.37
CA ASN B 179 -1.56 -15.33 -20.74
C ASN B 179 -0.35 -15.66 -21.61
N THR B 180 0.82 -15.12 -21.25
CA THR B 180 2.01 -15.20 -22.08
C THR B 180 3.13 -15.87 -21.30
N ILE B 181 3.85 -16.78 -21.96
CA ILE B 181 5.08 -17.32 -21.38
C ILE B 181 6.15 -16.25 -21.39
N ARG B 182 6.82 -16.05 -20.25
CA ARG B 182 7.82 -14.98 -20.12
C ARG B 182 8.94 -15.45 -19.23
N SER B 183 10.15 -15.48 -19.77
CA SER B 183 11.36 -15.52 -18.98
C SER B 183 12.11 -14.21 -19.14
N GLY B 184 12.77 -13.74 -18.09
CA GLY B 184 13.46 -12.48 -18.15
C GLY B 184 12.55 -11.29 -18.36
N ALA B 185 11.32 -11.36 -17.88
CA ALA B 185 10.42 -10.21 -17.91
C ALA B 185 10.74 -9.23 -16.79
N GLY B 186 10.19 -8.03 -16.91
CA GLY B 186 10.20 -7.12 -15.77
C GLY B 186 8.91 -7.25 -14.99
N VAL B 187 9.00 -7.51 -13.69
CA VAL B 187 7.83 -7.78 -12.86
C VAL B 187 7.86 -6.86 -11.65
N CYS B 188 6.76 -6.12 -11.45
CA CYS B 188 6.65 -5.22 -10.31
C CYS B 188 5.21 -5.19 -9.84
N VAL B 189 4.96 -4.44 -8.76
CA VAL B 189 3.63 -4.32 -8.20
C VAL B 189 3.13 -2.88 -8.22
N LEU B 190 2.36 -2.54 -9.25
CA LEU B 190 1.81 -1.19 -9.39
C LEU B 190 0.40 -1.13 -8.84
N HIS B 191 0.04 0.01 -8.26
CA HIS B 191 -1.29 0.24 -7.68
C HIS B 191 -1.70 -0.89 -6.74
N ASN B 192 -2.35 -1.92 -7.28
CA ASN B 192 -2.79 -3.06 -6.49
C ASN B 192 -2.75 -4.35 -7.30
N CYS B 193 -1.99 -4.33 -8.39
CA CYS B 193 -1.86 -5.50 -9.26
C CYS B 193 -0.39 -5.81 -9.55
N ILE B 194 -0.15 -6.98 -10.12
CA ILE B 194 1.20 -7.40 -10.47
C ILE B 194 1.43 -7.30 -11.97
N TYR B 195 2.33 -6.40 -12.37
CA TYR B 195 2.64 -6.20 -13.77
C TYR B 195 3.81 -7.08 -14.18
N ALA B 196 3.67 -7.71 -15.35
CA ALA B 196 4.71 -8.45 -16.03
C ALA B 196 4.82 -7.87 -17.43
N ALA B 197 6.00 -7.36 -17.77
CA ALA B 197 6.23 -6.67 -19.02
C ALA B 197 7.38 -7.31 -19.78
N GLY B 198 7.16 -7.60 -21.06
CA GLY B 198 8.23 -8.09 -21.90
C GLY B 198 8.68 -9.50 -21.53
N GLY B 199 9.95 -9.76 -21.79
CA GLY B 199 10.55 -11.07 -21.57
C GLY B 199 10.74 -11.81 -22.86
N TYR B 200 11.07 -13.10 -22.72
CA TYR B 200 11.37 -13.97 -23.84
C TYR B 200 10.57 -15.26 -23.65
N ASP B 201 9.90 -15.71 -24.71
CA ASP B 201 9.06 -16.90 -24.60
C ASP B 201 9.69 -18.13 -25.25
N GLY B 202 10.98 -18.10 -25.56
CA GLY B 202 11.59 -19.18 -26.28
C GLY B 202 11.62 -19.00 -27.77
N GLN B 203 10.93 -17.99 -28.31
CA GLN B 203 11.02 -17.70 -29.73
C GLN B 203 11.23 -16.21 -30.00
N ASP B 204 10.54 -15.35 -29.26
CA ASP B 204 10.66 -13.91 -29.48
C ASP B 204 10.75 -13.17 -28.16
N GLN B 205 11.49 -12.05 -28.18
CA GLN B 205 11.35 -11.04 -27.16
C GLN B 205 9.98 -10.37 -27.28
N LEU B 206 9.43 -9.95 -26.14
CA LEU B 206 8.05 -9.49 -26.09
C LEU B 206 7.99 -8.00 -25.74
N ASN B 207 6.99 -7.32 -26.27
CA ASN B 207 6.63 -5.98 -25.84
C ASN B 207 5.29 -5.94 -25.14
N SER B 208 4.57 -7.06 -25.10
CA SER B 208 3.29 -7.12 -24.41
C SER B 208 3.47 -7.00 -22.90
N VAL B 209 2.45 -6.44 -22.25
CA VAL B 209 2.42 -6.27 -20.80
C VAL B 209 1.07 -6.75 -20.30
N GLU B 210 1.08 -7.45 -19.17
CA GLU B 210 -0.18 -7.87 -18.55
C GLU B 210 -0.08 -7.70 -17.05
N ARG B 211 -1.25 -7.58 -16.42
CA ARG B 211 -1.32 -7.29 -15.00
C ARG B 211 -2.32 -8.23 -14.34
N TYR B 212 -1.98 -8.63 -13.12
CA TYR B 212 -2.75 -9.57 -12.33
C TYR B 212 -3.53 -8.80 -11.28
N ASP B 213 -4.85 -9.02 -11.28
CA ASP B 213 -5.77 -8.50 -10.27
C ASP B 213 -6.10 -9.66 -9.34
N VAL B 214 -5.73 -9.51 -8.07
CA VAL B 214 -5.82 -10.63 -7.13
C VAL B 214 -7.27 -10.90 -6.73
N ALA B 215 -8.10 -9.85 -6.65
CA ALA B 215 -9.49 -10.04 -6.25
C ALA B 215 -10.22 -10.97 -7.22
N THR B 216 -10.00 -10.77 -8.51
CA THR B 216 -10.62 -11.60 -9.54
C THR B 216 -9.69 -12.71 -10.03
N ALA B 217 -8.47 -12.77 -9.48
CA ALA B 217 -7.45 -13.72 -9.92
C ALA B 217 -7.33 -13.77 -11.44
N THR B 218 -7.22 -12.58 -12.05
CA THR B 218 -7.25 -12.53 -13.51
C THR B 218 -6.07 -11.72 -14.05
N TRP B 219 -5.46 -12.22 -15.12
CA TRP B 219 -4.43 -11.50 -15.86
C TRP B 219 -5.07 -10.85 -17.07
N THR B 220 -4.79 -9.56 -17.26
CA THR B 220 -5.33 -8.79 -18.36
C THR B 220 -4.21 -8.00 -19.03
N PHE B 221 -4.19 -7.99 -20.36
CA PHE B 221 -3.21 -7.19 -21.08
C PHE B 221 -3.49 -5.70 -20.89
N VAL B 222 -2.42 -4.91 -20.84
CA VAL B 222 -2.53 -3.46 -20.89
C VAL B 222 -1.84 -3.00 -22.16
N ALA B 223 -1.61 -1.69 -22.28
CA ALA B 223 -0.88 -1.18 -23.43
C ALA B 223 0.50 -1.84 -23.49
N PRO B 224 0.95 -2.25 -24.67
CA PRO B 224 2.30 -2.81 -24.80
C PRO B 224 3.37 -1.72 -24.84
N MET B 225 4.59 -2.13 -24.53
CA MET B 225 5.73 -1.23 -24.63
C MET B 225 6.04 -0.92 -26.09
N LYS B 226 6.81 0.16 -26.29
CA LYS B 226 7.19 0.54 -27.64
C LYS B 226 8.22 -0.42 -28.22
N HIS B 227 9.16 -0.88 -27.39
CA HIS B 227 10.24 -1.74 -27.84
C HIS B 227 10.19 -3.06 -27.07
N ARG B 228 10.26 -4.18 -27.81
CA ARG B 228 10.37 -5.49 -27.18
C ARG B 228 11.68 -5.59 -26.39
N ARG B 229 11.63 -6.28 -25.27
CA ARG B 229 12.81 -6.36 -24.42
C ARG B 229 12.67 -7.53 -23.44
N SER B 230 13.73 -8.33 -23.32
CA SER B 230 13.91 -9.29 -22.25
C SER B 230 15.14 -8.89 -21.46
N ALA B 231 15.22 -9.39 -20.22
CA ALA B 231 16.29 -9.01 -19.28
C ALA B 231 16.30 -7.51 -19.05
N LEU B 232 15.13 -6.93 -18.91
CA LEU B 232 14.97 -5.51 -18.62
C LEU B 232 14.97 -5.25 -17.12
N GLY B 233 15.34 -4.03 -16.75
CA GLY B 233 15.11 -3.56 -15.40
C GLY B 233 13.76 -2.89 -15.31
N ILE B 234 13.17 -2.91 -14.11
CA ILE B 234 11.84 -2.34 -13.93
C ILE B 234 11.72 -1.85 -12.50
N THR B 235 10.95 -0.77 -12.32
CA THR B 235 10.66 -0.29 -10.98
C THR B 235 9.46 0.64 -11.03
N VAL B 236 8.93 0.95 -9.85
CA VAL B 236 7.79 1.85 -9.70
C VAL B 236 8.24 3.07 -8.90
N HIS B 237 7.95 4.26 -9.42
CA HIS B 237 8.24 5.51 -8.72
C HIS B 237 7.07 6.45 -8.88
N GLN B 238 6.59 6.98 -7.75
CA GLN B 238 5.53 8.00 -7.72
C GLN B 238 4.38 7.62 -8.64
N GLY B 239 3.90 6.38 -8.49
CA GLY B 239 2.75 5.91 -9.22
C GLY B 239 2.92 5.65 -10.70
N ARG B 240 4.15 5.56 -11.20
CA ARG B 240 4.39 5.19 -12.60
C ARG B 240 5.41 4.07 -12.67
N ILE B 241 5.37 3.28 -13.76
CA ILE B 241 6.32 2.19 -13.96
C ILE B 241 7.39 2.63 -14.93
N TYR B 242 8.65 2.24 -14.67
CA TYR B 242 9.78 2.55 -15.51
C TYR B 242 10.46 1.24 -15.90
N VAL B 243 10.68 1.04 -17.20
CA VAL B 243 11.48 -0.08 -17.71
C VAL B 243 12.74 0.46 -18.36
N LEU B 244 13.87 -0.20 -18.07
CA LEU B 244 15.20 0.29 -18.41
C LEU B 244 15.96 -0.81 -19.15
N GLY B 245 16.34 -0.53 -20.39
CA GLY B 245 17.22 -1.36 -21.18
C GLY B 245 16.65 -2.72 -21.53
N GLY B 246 17.54 -3.70 -21.63
CA GLY B 246 17.22 -5.04 -22.05
C GLY B 246 17.80 -5.36 -23.41
N TYR B 247 17.44 -6.54 -23.90
CA TYR B 247 17.95 -7.09 -25.15
C TYR B 247 16.77 -7.54 -26.00
N ASP B 248 16.78 -7.19 -27.29
CA ASP B 248 15.67 -7.47 -28.19
C ASP B 248 16.03 -8.49 -29.26
N GLY B 249 17.08 -9.29 -29.04
CA GLY B 249 17.54 -10.23 -30.04
C GLY B 249 18.55 -9.66 -31.00
N HIS B 250 18.72 -8.34 -31.02
CA HIS B 250 19.68 -7.66 -31.88
C HIS B 250 20.55 -6.66 -31.16
N THR B 251 20.02 -5.86 -30.23
CA THR B 251 20.71 -4.73 -29.65
C THR B 251 20.50 -4.70 -28.15
N PHE B 252 21.47 -4.18 -27.43
CA PHE B 252 21.35 -3.92 -26.01
C PHE B 252 20.81 -2.51 -25.84
N LEU B 253 19.57 -2.42 -25.35
CA LEU B 253 18.82 -1.17 -25.38
C LEU B 253 19.30 -0.19 -24.32
N ASP B 254 19.27 1.10 -24.67
CA ASP B 254 19.37 2.16 -23.68
C ASP B 254 18.03 2.85 -23.46
N SER B 255 17.03 2.54 -24.27
CA SER B 255 15.68 3.06 -24.10
C SER B 255 15.18 2.85 -22.68
N VAL B 256 14.63 3.90 -22.09
CA VAL B 256 13.87 3.83 -20.85
C VAL B 256 12.46 4.30 -21.16
N GLU B 257 11.50 3.39 -21.00
CA GLU B 257 10.09 3.66 -21.23
C GLU B 257 9.33 3.79 -19.92
N CYS B 258 8.22 4.52 -19.96
CA CYS B 258 7.44 4.84 -18.77
C CYS B 258 5.97 4.57 -19.03
N TYR B 259 5.34 3.85 -18.10
CA TYR B 259 3.92 3.52 -18.17
C TYR B 259 3.18 4.37 -17.14
N ASP B 260 2.18 5.11 -17.64
CA ASP B 260 1.22 5.87 -16.85
C ASP B 260 -0.07 5.06 -16.81
N PRO B 261 -0.51 4.57 -15.66
CA PRO B 261 -1.69 3.70 -15.63
C PRO B 261 -3.01 4.43 -15.89
N ASP B 262 -3.10 5.73 -15.59
CA ASP B 262 -4.34 6.46 -15.82
C ASP B 262 -4.65 6.56 -17.31
N THR B 263 -3.62 6.81 -18.12
CA THR B 263 -3.80 6.92 -19.56
C THR B 263 -3.61 5.59 -20.29
N ASP B 264 -3.10 4.56 -19.62
CA ASP B 264 -2.70 3.31 -20.26
C ASP B 264 -1.78 3.59 -21.45
N THR B 265 -0.68 4.29 -21.16
CA THR B 265 0.22 4.76 -22.20
C THR B 265 1.66 4.43 -21.86
N TRP B 266 2.38 3.89 -22.85
CA TRP B 266 3.83 3.81 -22.82
C TRP B 266 4.41 4.89 -23.72
N SER B 267 5.52 5.48 -23.30
CA SER B 267 6.23 6.43 -24.13
C SER B 267 7.73 6.31 -23.85
N GLU B 268 8.53 6.60 -24.86
CA GLU B 268 9.97 6.64 -24.66
C GLU B 268 10.29 7.89 -23.86
N VAL B 269 10.84 7.70 -22.65
CA VAL B 269 11.04 8.79 -21.72
C VAL B 269 12.50 9.19 -21.57
N THR B 270 13.44 8.25 -21.66
CA THR B 270 14.85 8.65 -21.55
C THR B 270 15.71 7.62 -22.29
N ARG B 271 17.00 7.91 -22.35
CA ARG B 271 18.02 6.96 -22.78
C ARG B 271 19.03 6.80 -21.66
N MET B 272 19.40 5.57 -21.33
CA MET B 272 20.54 5.36 -20.46
C MET B 272 21.82 5.81 -21.16
N THR B 273 22.84 6.11 -20.34
CA THR B 273 24.15 6.46 -20.88
C THR B 273 24.64 5.47 -21.93
N SER B 274 24.34 4.18 -21.76
CA SER B 274 24.79 3.17 -22.70
C SER B 274 23.88 1.95 -22.60
N GLY B 275 23.61 1.31 -23.73
CA GLY B 275 22.73 0.16 -23.75
C GLY B 275 23.30 -1.02 -23.00
N ARG B 276 22.40 -1.79 -22.37
CA ARG B 276 22.80 -2.91 -21.52
C ARG B 276 21.57 -3.71 -21.14
N SER B 277 21.78 -4.98 -20.80
CA SER B 277 20.73 -5.85 -20.29
C SER B 277 21.10 -6.36 -18.91
N GLY B 278 20.13 -6.98 -18.25
CA GLY B 278 20.36 -7.65 -16.97
C GLY B 278 20.75 -6.78 -15.79
N VAL B 279 20.13 -5.60 -15.65
CA VAL B 279 20.44 -4.69 -14.56
C VAL B 279 19.60 -5.04 -13.33
N GLY B 280 20.03 -4.53 -12.18
CA GLY B 280 19.21 -4.51 -10.99
C GLY B 280 18.73 -3.09 -10.70
N VAL B 281 17.43 -2.90 -10.50
CA VAL B 281 16.83 -1.57 -10.37
C VAL B 281 16.08 -1.49 -9.04
N ALA B 282 16.20 -0.34 -8.37
CA ALA B 282 15.43 -0.06 -7.17
C ALA B 282 15.34 1.45 -6.98
N VAL B 283 14.50 1.87 -6.04
CA VAL B 283 14.23 3.28 -5.79
C VAL B 283 14.57 3.60 -4.34
N THR B 284 15.29 4.69 -4.11
CA THR B 284 15.51 5.18 -2.75
C THR B 284 15.94 6.65 -2.72
N GLY C 1 25.37 -14.34 -25.01
CA GLY C 1 25.51 -15.40 -25.99
C GLY C 1 24.31 -16.32 -26.08
N GLU C 2 23.12 -15.79 -25.79
CA GLU C 2 21.88 -16.52 -25.91
C GLU C 2 20.74 -15.52 -25.95
N PRO C 3 19.59 -15.86 -26.55
CA PRO C 3 18.63 -14.81 -26.94
C PRO C 3 17.96 -14.08 -25.79
N GLU C 4 17.90 -14.66 -24.59
CA GLU C 4 17.08 -14.05 -23.54
C GLU C 4 17.76 -12.82 -22.94
N THR C 5 19.05 -12.93 -22.62
CA THR C 5 19.80 -11.83 -22.03
C THR C 5 20.80 -11.18 -22.99
N GLY C 6 21.07 -11.81 -24.13
CA GLY C 6 22.14 -11.36 -24.99
C GLY C 6 23.52 -11.85 -24.59
N GLU C 7 23.63 -12.61 -23.51
CA GLU C 7 24.93 -13.14 -23.09
C GLU C 7 25.21 -14.49 -23.72
#